data_7C7M
#
_entry.id   7C7M
#
_cell.length_a   45.522
_cell.length_b   92.142
_cell.length_c   56.669
_cell.angle_alpha   90.00
_cell.angle_beta   90.00
_cell.angle_gamma   90.00
#
_symmetry.space_group_name_H-M   'P 21 21 2'
#
loop_
_entity.id
_entity.type
_entity.pdbx_description
1 polymer 'Staphylopine biosynthesis enzyme CntL'
2 non-polymer 1,2-ETHANEDIOL
3 non-polymer S-ADENOSYLMETHIONINE
4 water water
#
_entity_poly.entity_id   1
_entity_poly.type   'polypeptide(L)'
_entity_poly.pdbx_seq_one_letter_code
;(MSE)GSSHHHHHHSSGNNFNNEIKLILQQYLEKFEAHYERVLQDDQYIEALETL(MSE)DDYSEFILNPIYEQQFNAWR
DVEEKAQLIKSLQYITAQCVKQVEVIRARRLLDGQASTTGYFDNIEHCIDEEFGQCSITSNDKLLLVGSGAYP(MSE)TL
IQVAKETGASVIGIDIDPQAVDLGRRIVNVLAPNEDITITDQKVSELKDIKDVTHIIFSSTIPLKYSILEELYDLTNENV
VVA(MSE)RFGDGIKAIFNYPSQETAEDKWQCVNKH(MSE)RPQQIFDIALYKKAAIKVGITD
;
_entity_poly.pdbx_strand_id   A
#
loop_
_chem_comp.id
_chem_comp.type
_chem_comp.name
_chem_comp.formula
EDO non-polymer 1,2-ETHANEDIOL 'C2 H6 O2'
SAM non-polymer S-ADENOSYLMETHIONINE 'C15 H22 N6 O5 S'
#
# COMPACT_ATOMS: atom_id res chain seq x y z
N ASN A 17 -21.09 20.77 -1.73
CA ASN A 17 -20.20 20.86 -0.52
C ASN A 17 -20.83 20.08 0.64
N ASN A 18 -21.96 20.62 1.13
CA ASN A 18 -22.50 20.34 2.46
C ASN A 18 -22.59 18.83 2.69
N GLU A 19 -23.14 18.12 1.71
CA GLU A 19 -23.52 16.74 1.91
C GLU A 19 -22.27 15.86 2.14
N ILE A 20 -21.34 15.88 1.18
CA ILE A 20 -20.22 14.96 1.23
C ILE A 20 -19.29 15.36 2.40
N LYS A 21 -19.14 16.67 2.65
CA LYS A 21 -18.26 17.16 3.70
C LYS A 21 -18.71 16.62 5.07
N LEU A 22 -20.02 16.60 5.30
CA LEU A 22 -20.59 16.12 6.56
C LEU A 22 -20.24 14.65 6.82
N ILE A 23 -20.38 13.80 5.79
N ILE A 23 -20.34 13.80 5.80
CA ILE A 23 -20.11 12.36 5.89
CA ILE A 23 -20.13 12.37 5.98
C ILE A 23 -18.62 12.13 6.19
C ILE A 23 -18.62 12.07 6.12
N LEU A 24 -17.78 12.87 5.46
CA LEU A 24 -16.32 12.74 5.57
C LEU A 24 -15.88 13.12 7.00
N GLN A 25 -16.45 14.20 7.54
CA GLN A 25 -16.18 14.60 8.93
C GLN A 25 -16.61 13.50 9.90
N GLN A 26 -17.78 12.88 9.63
CA GLN A 26 -18.30 11.82 10.48
C GLN A 26 -17.38 10.60 10.43
N TYR A 27 -16.91 10.23 9.24
CA TYR A 27 -15.92 9.14 9.13
C TYR A 27 -14.65 9.47 9.94
N LEU A 28 -14.18 10.72 9.87
CA LEU A 28 -12.97 11.08 10.60
C LEU A 28 -13.17 10.84 12.11
N GLU A 29 -14.33 11.27 12.63
CA GLU A 29 -14.67 11.08 14.04
C GLU A 29 -14.80 9.59 14.40
N LYS A 30 -15.44 8.80 13.54
CA LYS A 30 -15.57 7.35 13.74
C LYS A 30 -14.18 6.68 13.74
N PHE A 31 -13.31 7.06 12.81
CA PHE A 31 -11.96 6.50 12.76
C PHE A 31 -11.20 6.87 14.05
N GLU A 32 -11.36 8.09 14.54
CA GLU A 32 -10.70 8.52 15.81
C GLU A 32 -11.13 7.59 16.95
N ALA A 33 -12.45 7.36 17.10
CA ALA A 33 -12.98 6.58 18.22
C ALA A 33 -12.50 5.11 18.12
N HIS A 34 -12.63 4.54 16.92
CA HIS A 34 -12.24 3.15 16.68
C HIS A 34 -10.75 2.95 16.89
N TYR A 35 -9.94 3.88 16.38
CA TYR A 35 -8.51 3.72 16.45
C TYR A 35 -8.05 3.81 17.92
N GLU A 36 -8.56 4.81 18.65
N GLU A 36 -8.54 4.83 18.64
CA GLU A 36 -8.18 4.98 20.05
CA GLU A 36 -8.23 5.02 20.06
C GLU A 36 -8.58 3.75 20.86
C GLU A 36 -8.57 3.73 20.84
N ARG A 37 -9.75 3.16 20.58
CA ARG A 37 -10.25 1.96 21.31
C ARG A 37 -9.30 0.77 21.08
N VAL A 38 -8.92 0.57 19.81
CA VAL A 38 -8.07 -0.54 19.40
C VAL A 38 -6.67 -0.41 20.04
N LEU A 39 -6.17 0.81 20.21
CA LEU A 39 -4.86 1.03 20.84
C LEU A 39 -4.87 0.54 22.30
N GLN A 40 -6.01 0.68 22.98
CA GLN A 40 -6.16 0.24 24.38
C GLN A 40 -6.48 -1.26 24.45
N ASP A 41 -7.26 -1.78 23.49
CA ASP A 41 -7.70 -3.16 23.54
C ASP A 41 -7.88 -3.74 22.12
N ASP A 42 -7.09 -4.74 21.75
CA ASP A 42 -7.13 -5.30 20.39
C ASP A 42 -8.42 -6.09 20.12
N GLN A 43 -9.27 -6.30 21.14
CA GLN A 43 -10.56 -6.98 20.96
C GLN A 43 -11.50 -6.16 20.06
N TYR A 44 -11.24 -4.85 19.95
CA TYR A 44 -12.05 -3.93 19.13
C TYR A 44 -11.57 -3.92 17.66
N ILE A 45 -10.66 -4.82 17.27
CA ILE A 45 -10.21 -4.88 15.88
C ILE A 45 -11.39 -5.19 14.95
N GLU A 46 -12.25 -6.14 15.32
CA GLU A 46 -13.36 -6.55 14.44
C GLU A 46 -14.22 -5.33 14.06
N ALA A 47 -14.54 -4.47 15.05
CA ALA A 47 -15.36 -3.28 14.83
C ALA A 47 -14.64 -2.30 13.88
N LEU A 48 -13.31 -2.17 14.02
CA LEU A 48 -12.55 -1.29 13.13
C LEU A 48 -12.53 -1.87 11.71
N GLU A 49 -12.33 -3.19 11.57
CA GLU A 49 -12.35 -3.85 10.23
C GLU A 49 -13.70 -3.63 9.55
N THR A 50 -14.80 -3.72 10.30
CA THR A 50 -16.13 -3.50 9.77
C THR A 50 -16.27 -2.04 9.28
N LEU A 51 -15.78 -1.10 10.08
CA LEU A 51 -15.79 0.32 9.69
C LEU A 51 -15.02 0.51 8.38
N MSE A 52 -13.86 -0.14 8.29
CA MSE A 52 -13.04 -0.06 7.08
C MSE A 52 -13.75 -0.64 5.86
O MSE A 52 -13.60 -0.09 4.75
CB MSE A 52 -11.67 -0.70 7.31
CG MSE A 52 -10.81 0.17 8.24
SE MSE A 52 -9.27 -0.86 8.97
CE MSE A 52 -8.05 -0.57 7.45
N ASP A 53 -14.56 -1.70 6.04
CA ASP A 53 -15.35 -2.27 4.95
C ASP A 53 -16.47 -1.30 4.53
N ASP A 54 -17.15 -0.72 5.51
CA ASP A 54 -18.21 0.29 5.26
C ASP A 54 -17.63 1.49 4.49
N TYR A 55 -16.45 1.94 4.91
CA TYR A 55 -15.73 3.07 4.28
C TYR A 55 -15.39 2.76 2.81
N SER A 56 -14.90 1.54 2.57
N SER A 56 -14.93 1.53 2.56
CA SER A 56 -14.58 1.03 1.23
CA SER A 56 -14.57 1.07 1.22
C SER A 56 -15.82 1.07 0.34
C SER A 56 -15.81 1.04 0.32
N GLU A 57 -16.93 0.54 0.86
CA GLU A 57 -18.22 0.49 0.16
C GLU A 57 -18.68 1.92 -0.17
N PHE A 58 -18.45 2.86 0.76
CA PHE A 58 -18.78 4.28 0.55
C PHE A 58 -17.97 4.85 -0.64
N ILE A 59 -16.64 4.62 -0.61
CA ILE A 59 -15.69 5.16 -1.57
C ILE A 59 -16.04 4.68 -2.99
N LEU A 60 -16.42 3.41 -3.08
CA LEU A 60 -16.63 2.76 -4.39
C LEU A 60 -18.08 2.91 -4.88
N ASN A 61 -18.92 3.64 -4.14
CA ASN A 61 -20.30 3.84 -4.51
C ASN A 61 -20.39 5.05 -5.44
N PRO A 62 -20.90 4.91 -6.68
CA PRO A 62 -20.89 6.01 -7.66
C PRO A 62 -21.65 7.27 -7.22
N ILE A 63 -22.61 7.11 -6.33
CA ILE A 63 -23.39 8.22 -5.79
C ILE A 63 -22.46 9.14 -5.00
N TYR A 64 -21.66 8.55 -4.12
CA TYR A 64 -20.76 9.33 -3.26
C TYR A 64 -19.58 9.85 -4.09
N GLU A 65 -19.15 9.07 -5.08
CA GLU A 65 -18.07 9.49 -5.96
C GLU A 65 -18.48 10.80 -6.65
N GLN A 66 -19.72 10.83 -7.16
CA GLN A 66 -20.26 11.98 -7.89
C GLN A 66 -20.33 13.18 -6.94
N GLN A 67 -20.90 12.98 -5.76
CA GLN A 67 -20.98 14.06 -4.74
C GLN A 67 -19.59 14.61 -4.44
N PHE A 68 -18.62 13.71 -4.21
CA PHE A 68 -17.24 14.08 -3.90
C PHE A 68 -16.63 14.94 -5.01
N ASN A 69 -16.84 14.50 -6.26
CA ASN A 69 -16.32 15.20 -7.42
C ASN A 69 -16.96 16.58 -7.56
N ALA A 70 -18.22 16.72 -7.15
CA ALA A 70 -19.01 17.95 -7.29
C ALA A 70 -18.61 19.02 -6.26
N TRP A 71 -18.02 18.60 -5.13
CA TRP A 71 -17.52 19.51 -4.09
C TRP A 71 -16.24 20.17 -4.60
N ARG A 72 -16.34 21.45 -4.97
CA ARG A 72 -15.22 22.17 -5.62
C ARG A 72 -14.66 23.21 -4.65
N ASP A 73 -14.57 22.84 -3.38
CA ASP A 73 -13.78 23.59 -2.41
C ASP A 73 -12.32 23.20 -2.64
N VAL A 74 -11.39 24.09 -2.29
CA VAL A 74 -9.96 23.83 -2.50
C VAL A 74 -9.29 23.49 -1.15
N GLU A 75 -9.31 24.42 -0.19
CA GLU A 75 -8.52 24.30 1.05
C GLU A 75 -9.11 23.23 2.00
N GLU A 76 -10.38 23.40 2.39
CA GLU A 76 -11.01 22.52 3.40
C GLU A 76 -11.08 21.07 2.87
N LYS A 77 -11.40 20.92 1.59
CA LYS A 77 -11.48 19.59 0.98
C LYS A 77 -10.11 18.92 1.02
N ALA A 78 -9.07 19.63 0.56
CA ALA A 78 -7.69 19.09 0.55
C ALA A 78 -7.28 18.62 1.95
N GLN A 79 -7.55 19.46 2.96
CA GLN A 79 -7.13 19.17 4.34
C GLN A 79 -7.89 17.97 4.91
N LEU A 80 -9.19 17.89 4.63
CA LEU A 80 -10.03 16.81 5.15
C LEU A 80 -9.55 15.48 4.53
N ILE A 81 -9.25 15.51 3.23
CA ILE A 81 -8.70 14.32 2.54
C ILE A 81 -7.39 13.89 3.24
N LYS A 82 -6.50 14.85 3.52
CA LYS A 82 -5.21 14.54 4.12
C LYS A 82 -5.40 13.99 5.54
N SER A 83 -6.40 14.48 6.28
CA SER A 83 -6.66 13.99 7.66
C SER A 83 -7.10 12.53 7.63
N LEU A 84 -7.96 12.19 6.65
CA LEU A 84 -8.49 10.84 6.52
C LEU A 84 -7.43 9.85 6.03
N GLN A 85 -6.62 10.25 5.06
CA GLN A 85 -5.64 9.32 4.48
C GLN A 85 -4.59 8.97 5.56
N TYR A 86 -4.24 9.92 6.44
CA TYR A 86 -3.27 9.65 7.51
C TYR A 86 -3.85 8.71 8.57
N ILE A 87 -5.05 9.01 9.09
CA ILE A 87 -5.59 8.18 10.20
C ILE A 87 -5.94 6.78 9.67
N THR A 88 -6.51 6.66 8.45
CA THR A 88 -6.82 5.32 7.92
C THR A 88 -5.55 4.53 7.58
N ALA A 89 -4.46 5.22 7.21
CA ALA A 89 -3.17 4.53 7.02
C ALA A 89 -2.70 3.94 8.35
N GLN A 90 -2.89 4.68 9.44
CA GLN A 90 -2.55 4.16 10.77
C GLN A 90 -3.41 2.96 11.12
N CYS A 91 -4.71 3.01 10.79
CA CYS A 91 -5.65 1.88 11.00
C CYS A 91 -5.21 0.63 10.21
N VAL A 92 -4.83 0.81 8.93
CA VAL A 92 -4.33 -0.33 8.13
C VAL A 92 -3.15 -0.98 8.85
N LYS A 93 -2.21 -0.16 9.31
CA LYS A 93 -1.03 -0.65 10.02
C LYS A 93 -1.40 -1.39 11.31
N GLN A 94 -2.36 -0.85 12.07
CA GLN A 94 -2.72 -1.45 13.34
C GLN A 94 -3.40 -2.82 13.15
N VAL A 95 -4.24 -2.95 12.12
CA VAL A 95 -4.85 -4.24 11.73
C VAL A 95 -3.74 -5.25 11.39
N GLU A 96 -2.74 -4.84 10.61
CA GLU A 96 -1.62 -5.73 10.24
C GLU A 96 -0.85 -6.19 11.48
N VAL A 97 -0.57 -5.26 12.40
CA VAL A 97 0.21 -5.58 13.61
C VAL A 97 -0.54 -6.60 14.47
N ILE A 98 -1.85 -6.38 14.66
CA ILE A 98 -2.67 -7.30 15.48
C ILE A 98 -2.78 -8.68 14.80
N ARG A 99 -3.05 -8.71 13.50
CA ARG A 99 -3.12 -9.99 12.78
C ARG A 99 -1.77 -10.73 12.85
N ALA A 100 -0.66 -10.01 12.71
CA ALA A 100 0.67 -10.62 12.81
C ALA A 100 0.89 -11.22 14.21
N ARG A 101 0.62 -10.43 15.25
CA ARG A 101 0.86 -10.87 16.63
C ARG A 101 0.00 -12.10 16.97
N ARG A 102 -1.24 -12.13 16.45
CA ARG A 102 -2.10 -13.30 16.64
C ARG A 102 -1.48 -14.55 16.01
N LEU A 103 -0.96 -14.45 14.78
CA LEU A 103 -0.36 -15.60 14.11
C LEU A 103 0.87 -16.08 14.89
N LEU A 104 1.73 -15.14 15.30
CA LEU A 104 2.97 -15.50 16.01
C LEU A 104 2.68 -15.97 17.45
N ASP A 105 1.64 -15.42 18.09
CA ASP A 105 1.23 -15.85 19.44
C ASP A 105 0.77 -17.32 19.41
N GLY A 106 0.15 -17.73 18.29
CA GLY A 106 -0.32 -19.10 18.12
C GLY A 106 0.81 -20.08 17.88
N GLN A 107 1.88 -19.59 17.23
CA GLN A 107 3.07 -20.37 16.84
C GLN A 107 2.71 -21.48 15.84
N ALA A 108 1.54 -21.39 15.19
CA ALA A 108 1.18 -22.37 14.13
C ALA A 108 1.64 -21.84 12.77
N SER A 109 1.60 -22.73 11.76
CA SER A 109 1.87 -22.38 10.36
C SER A 109 0.53 -22.13 9.65
N ILE A 117 -5.38 -14.21 -2.92
CA ILE A 117 -6.73 -14.78 -3.04
C ILE A 117 -7.27 -14.49 -4.45
N GLU A 118 -7.84 -13.29 -4.63
CA GLU A 118 -8.68 -12.97 -5.80
C GLU A 118 -7.85 -12.47 -6.99
N HIS A 119 -6.57 -12.14 -6.78
CA HIS A 119 -5.74 -11.50 -7.80
C HIS A 119 -4.25 -11.81 -7.57
N CYS A 120 -3.56 -12.23 -8.64
CA CYS A 120 -2.12 -12.48 -8.60
C CYS A 120 -1.37 -11.15 -8.76
N ILE A 121 -0.38 -10.91 -7.90
CA ILE A 121 0.33 -9.62 -7.85
C ILE A 121 0.99 -9.34 -9.20
N ASP A 122 1.41 -10.40 -9.90
CA ASP A 122 1.98 -10.35 -11.25
C ASP A 122 1.07 -9.54 -12.18
N GLU A 123 -0.26 -9.66 -12.01
CA GLU A 123 -1.28 -8.95 -12.80
C GLU A 123 -1.03 -7.43 -12.82
N GLU A 124 -0.43 -6.88 -11.74
CA GLU A 124 -0.23 -5.44 -11.59
C GLU A 124 0.84 -4.91 -12.57
N PHE A 125 1.63 -5.81 -13.17
CA PHE A 125 2.75 -5.44 -14.04
C PHE A 125 2.39 -5.62 -15.53
N GLY A 126 1.14 -5.99 -15.81
CA GLY A 126 0.65 -6.13 -17.18
C GLY A 126 1.53 -7.03 -18.01
N GLN A 127 2.14 -6.47 -19.05
CA GLN A 127 3.03 -7.21 -19.96
C GLN A 127 4.36 -7.55 -19.27
N CYS A 128 4.78 -6.68 -18.34
CA CYS A 128 6.11 -6.76 -17.69
C CYS A 128 6.14 -7.88 -16.64
N SER A 129 6.04 -9.13 -17.11
CA SER A 129 5.81 -10.30 -16.27
C SER A 129 7.03 -10.62 -15.39
N ILE A 130 6.78 -11.28 -14.25
CA ILE A 130 7.81 -11.65 -13.23
C ILE A 130 8.09 -13.16 -13.32
N THR A 131 9.33 -13.53 -13.60
CA THR A 131 9.75 -14.95 -13.63
C THR A 131 10.64 -15.22 -12.41
N SER A 132 11.01 -16.49 -12.22
CA SER A 132 11.86 -16.89 -11.10
C SER A 132 13.26 -16.28 -11.21
N ASN A 133 13.65 -15.79 -12.38
CA ASN A 133 14.96 -15.15 -12.56
C ASN A 133 14.95 -13.67 -12.14
N ASP A 134 13.77 -13.13 -11.79
CA ASP A 134 13.62 -11.70 -11.55
C ASP A 134 13.83 -11.42 -10.06
N LYS A 135 13.88 -10.14 -9.68
CA LYS A 135 14.07 -9.73 -8.30
C LYS A 135 13.17 -8.52 -8.03
N LEU A 136 12.28 -8.67 -7.04
CA LEU A 136 11.26 -7.68 -6.75
C LEU A 136 11.58 -6.98 -5.42
N LEU A 137 11.46 -5.66 -5.41
CA LEU A 137 11.50 -4.83 -4.20
C LEU A 137 10.08 -4.37 -3.89
N LEU A 138 9.61 -4.64 -2.66
CA LEU A 138 8.31 -4.14 -2.18
C LEU A 138 8.59 -3.08 -1.11
N VAL A 139 8.16 -1.85 -1.39
CA VAL A 139 8.37 -0.74 -0.47
C VAL A 139 7.12 -0.66 0.43
N GLY A 140 7.32 -0.84 1.74
CA GLY A 140 6.26 -0.88 2.72
C GLY A 140 5.69 -2.29 2.86
N SER A 141 6.55 -3.20 3.33
CA SER A 141 6.26 -4.63 3.39
C SER A 141 5.16 -4.92 4.42
N GLY A 142 5.21 -4.24 5.57
CA GLY A 142 4.17 -4.35 6.58
C GLY A 142 4.38 -5.52 7.51
N ALA A 143 3.71 -5.46 8.67
CA ALA A 143 3.83 -6.48 9.74
C ALA A 143 3.19 -7.81 9.31
N TYR A 144 2.26 -7.76 8.34
CA TYR A 144 1.52 -8.96 7.86
C TYR A 144 1.69 -9.05 6.34
N PRO A 145 2.89 -9.46 5.87
CA PRO A 145 3.30 -9.24 4.48
C PRO A 145 2.80 -10.30 3.51
N MSE A 146 1.47 -10.43 3.44
CA MSE A 146 0.84 -11.47 2.62
C MSE A 146 1.18 -11.27 1.14
O MSE A 146 1.43 -12.25 0.43
CB MSE A 146 -0.68 -11.47 2.79
CG MSE A 146 -1.20 -11.88 4.17
SE MSE A 146 -0.38 -13.54 4.87
CE MSE A 146 0.99 -12.77 6.08
N THR A 147 1.17 -10.02 0.69
CA THR A 147 1.44 -9.67 -0.70
C THR A 147 2.87 -10.06 -1.08
N LEU A 148 3.83 -9.77 -0.19
CA LEU A 148 5.23 -10.11 -0.38
C LEU A 148 5.40 -11.63 -0.51
N ILE A 149 4.75 -12.38 0.39
CA ILE A 149 4.83 -13.84 0.38
C ILE A 149 4.14 -14.41 -0.87
N GLN A 150 2.97 -13.84 -1.21
CA GLN A 150 2.19 -14.21 -2.41
C GLN A 150 3.09 -14.19 -3.65
N VAL A 151 3.78 -13.07 -3.88
CA VAL A 151 4.51 -12.90 -5.13
C VAL A 151 5.74 -13.84 -5.15
N ALA A 152 6.40 -14.03 -4.01
CA ALA A 152 7.51 -14.98 -3.90
C ALA A 152 7.03 -16.38 -4.28
N LYS A 153 5.91 -16.82 -3.70
CA LYS A 153 5.36 -18.18 -3.94
C LYS A 153 4.91 -18.35 -5.39
N GLU A 154 4.29 -17.31 -5.96
CA GLU A 154 3.68 -17.39 -7.30
C GLU A 154 4.77 -17.38 -8.39
N THR A 155 5.83 -16.60 -8.17
CA THR A 155 6.78 -16.31 -9.24
C THR A 155 8.10 -17.05 -9.05
N GLY A 156 8.45 -17.39 -7.79
CA GLY A 156 9.77 -17.92 -7.43
C GLY A 156 10.88 -16.87 -7.51
N ALA A 157 10.51 -15.60 -7.70
CA ALA A 157 11.49 -14.53 -7.75
C ALA A 157 12.08 -14.34 -6.35
N SER A 158 13.29 -13.77 -6.31
N SER A 158 13.31 -13.82 -6.30
CA SER A 158 13.83 -13.24 -5.09
CA SER A 158 13.88 -13.33 -5.05
C SER A 158 13.06 -11.96 -4.75
C SER A 158 13.23 -11.98 -4.75
N VAL A 159 12.88 -11.71 -3.45
N VAL A 159 12.87 -11.74 -3.49
CA VAL A 159 12.02 -10.63 -2.99
CA VAL A 159 12.13 -10.55 -3.15
C VAL A 159 12.74 -9.92 -1.84
C VAL A 159 12.73 -9.92 -1.89
N ILE A 160 12.77 -8.59 -1.89
CA ILE A 160 13.17 -7.76 -0.78
C ILE A 160 11.97 -6.92 -0.38
N GLY A 161 11.66 -6.91 0.92
CA GLY A 161 10.69 -5.98 1.49
C GLY A 161 11.38 -5.01 2.43
N ILE A 162 11.05 -3.71 2.31
CA ILE A 162 11.55 -2.72 3.23
C ILE A 162 10.37 -2.09 3.97
N ASP A 163 10.64 -1.77 5.24
CA ASP A 163 9.69 -1.09 6.11
C ASP A 163 10.51 -0.25 7.09
N ILE A 164 10.08 1.00 7.29
CA ILE A 164 10.78 1.91 8.20
C ILE A 164 10.48 1.59 9.67
N ASP A 165 9.45 0.79 9.94
CA ASP A 165 9.03 0.46 11.32
C ASP A 165 9.63 -0.87 11.74
N PRO A 166 10.51 -0.91 12.76
CA PRO A 166 11.17 -2.16 13.17
C PRO A 166 10.17 -3.20 13.71
N GLN A 167 9.02 -2.75 14.22
CA GLN A 167 7.97 -3.68 14.59
C GLN A 167 7.52 -4.44 13.34
N ALA A 168 7.30 -3.71 12.25
CA ALA A 168 6.88 -4.33 10.98
C ALA A 168 7.97 -5.24 10.41
N VAL A 169 9.24 -4.86 10.59
CA VAL A 169 10.39 -5.66 10.12
C VAL A 169 10.44 -6.98 10.89
N ASP A 170 10.34 -6.91 12.23
CA ASP A 170 10.42 -8.12 13.03
C ASP A 170 9.26 -9.07 12.75
N LEU A 171 8.03 -8.52 12.81
CA LEU A 171 6.83 -9.34 12.61
C LEU A 171 6.84 -9.95 11.20
N GLY A 172 7.16 -9.13 10.19
CA GLY A 172 7.23 -9.59 8.80
C GLY A 172 8.25 -10.70 8.61
N ARG A 173 9.47 -10.49 9.12
CA ARG A 173 10.54 -11.47 9.03
C ARG A 173 10.11 -12.82 9.61
N ARG A 174 9.52 -12.77 10.81
CA ARG A 174 9.19 -14.00 11.53
C ARG A 174 7.97 -14.68 10.89
N ILE A 175 7.08 -13.90 10.26
CA ILE A 175 5.93 -14.47 9.57
C ILE A 175 6.40 -15.18 8.29
N VAL A 176 7.35 -14.56 7.59
CA VAL A 176 7.94 -15.19 6.42
C VAL A 176 8.57 -16.54 6.82
N ASN A 177 9.30 -16.56 7.94
CA ASN A 177 9.96 -17.79 8.39
C ASN A 177 8.94 -18.90 8.72
N VAL A 178 7.74 -18.55 9.19
CA VAL A 178 6.69 -19.53 9.46
C VAL A 178 6.04 -20.00 8.15
N LEU A 179 5.61 -19.04 7.31
CA LEU A 179 4.68 -19.31 6.19
C LEU A 179 5.43 -19.59 4.89
N ALA A 180 6.68 -19.11 4.76
CA ALA A 180 7.40 -19.22 3.48
C ALA A 180 8.90 -19.41 3.71
N PRO A 181 9.30 -20.41 4.52
CA PRO A 181 10.71 -20.61 4.84
C PRO A 181 11.60 -20.98 3.65
N ASN A 182 11.00 -21.54 2.59
CA ASN A 182 11.76 -21.99 1.42
C ASN A 182 11.83 -20.92 0.32
N GLU A 183 11.15 -19.78 0.48
CA GLU A 183 11.24 -18.72 -0.53
C GLU A 183 12.47 -17.85 -0.25
N ASP A 184 12.91 -17.10 -1.27
CA ASP A 184 14.06 -16.19 -1.13
C ASP A 184 13.54 -14.78 -0.83
N ILE A 185 13.39 -14.50 0.46
CA ILE A 185 12.74 -13.30 0.95
C ILE A 185 13.66 -12.66 1.98
N THR A 186 13.97 -11.37 1.80
CA THR A 186 14.68 -10.54 2.77
C THR A 186 13.74 -9.41 3.20
N ILE A 187 13.66 -9.16 4.51
CA ILE A 187 12.97 -7.98 5.02
C ILE A 187 13.94 -7.17 5.88
N THR A 188 13.97 -5.87 5.63
CA THR A 188 14.93 -4.96 6.26
C THR A 188 14.31 -3.58 6.46
N ASP A 189 14.90 -2.82 7.39
CA ASP A 189 14.56 -1.43 7.62
C ASP A 189 15.42 -0.50 6.75
N GLN A 190 16.34 -1.07 5.95
CA GLN A 190 17.23 -0.26 5.10
C GLN A 190 16.42 0.61 4.14
N LYS A 191 16.90 1.85 3.94
CA LYS A 191 16.35 2.72 2.92
C LYS A 191 16.92 2.30 1.56
N VAL A 192 16.29 2.76 0.49
CA VAL A 192 16.64 2.33 -0.86
C VAL A 192 18.12 2.63 -1.15
N SER A 193 18.64 3.75 -0.62
CA SER A 193 20.05 4.15 -0.85
C SER A 193 21.03 3.22 -0.13
N GLU A 194 20.52 2.36 0.76
CA GLU A 194 21.33 1.46 1.59
C GLU A 194 21.24 0.00 1.12
N LEU A 195 20.36 -0.30 0.14
CA LEU A 195 20.23 -1.68 -0.37
C LEU A 195 21.40 -1.98 -1.32
N LYS A 196 22.21 -2.97 -0.96
CA LYS A 196 23.45 -3.22 -1.69
C LYS A 196 23.14 -3.81 -3.07
N ASP A 197 22.00 -4.49 -3.23
CA ASP A 197 21.66 -5.21 -4.45
C ASP A 197 20.61 -4.45 -5.28
N ILE A 198 20.50 -3.13 -5.09
CA ILE A 198 19.42 -2.35 -5.71
C ILE A 198 19.52 -2.48 -7.25
N LYS A 199 20.75 -2.57 -7.78
CA LYS A 199 20.96 -2.59 -9.25
C LYS A 199 20.44 -3.87 -9.91
N ASP A 200 20.28 -4.95 -9.14
CA ASP A 200 19.78 -6.25 -9.62
C ASP A 200 18.25 -6.28 -9.68
N VAL A 201 17.57 -5.33 -9.02
CA VAL A 201 16.12 -5.33 -8.93
C VAL A 201 15.52 -5.07 -10.32
N THR A 202 14.55 -5.90 -10.70
CA THR A 202 13.88 -5.85 -11.98
C THR A 202 12.48 -5.25 -11.88
N HIS A 203 11.88 -5.33 -10.69
CA HIS A 203 10.47 -4.99 -10.45
C HIS A 203 10.36 -4.35 -9.06
N ILE A 204 9.56 -3.30 -8.96
CA ILE A 204 9.34 -2.58 -7.68
C ILE A 204 7.84 -2.38 -7.52
N ILE A 205 7.32 -2.67 -6.32
CA ILE A 205 5.92 -2.37 -5.94
C ILE A 205 5.96 -1.43 -4.74
N PHE A 206 5.16 -0.35 -4.80
CA PHE A 206 4.91 0.52 -3.65
C PHE A 206 3.52 0.24 -3.08
N SER A 207 3.45 -0.08 -1.79
CA SER A 207 2.20 -0.06 -1.04
C SER A 207 1.57 1.34 -1.18
N SER A 208 0.23 1.39 -1.18
CA SER A 208 -0.50 2.63 -1.41
C SER A 208 -0.35 3.61 -0.23
N THR A 209 -0.24 3.10 1.00
CA THR A 209 -0.38 3.95 2.20
C THR A 209 0.99 4.48 2.68
N ILE A 210 1.89 4.77 1.73
CA ILE A 210 3.23 5.28 2.01
C ILE A 210 3.28 6.76 1.66
N PRO A 211 3.29 7.67 2.64
CA PRO A 211 3.33 9.12 2.34
C PRO A 211 4.50 9.54 1.45
N LEU A 212 5.67 8.90 1.64
CA LEU A 212 6.91 9.29 0.95
C LEU A 212 7.09 8.59 -0.41
N LYS A 213 6.08 7.88 -0.91
CA LYS A 213 6.30 6.93 -2.04
C LYS A 213 6.87 7.66 -3.28
N TYR A 214 6.39 8.87 -3.59
CA TYR A 214 6.90 9.55 -4.78
C TYR A 214 8.33 10.10 -4.57
N SER A 215 8.68 10.55 -3.37
CA SER A 215 10.06 10.98 -3.13
C SER A 215 11.03 9.79 -3.25
N ILE A 216 10.60 8.60 -2.80
CA ILE A 216 11.40 7.38 -2.92
C ILE A 216 11.52 7.00 -4.41
N LEU A 217 10.41 7.10 -5.15
CA LEU A 217 10.43 6.82 -6.60
C LEU A 217 11.50 7.69 -7.27
N GLU A 218 11.50 9.00 -6.97
CA GLU A 218 12.48 9.89 -7.62
C GLU A 218 13.90 9.47 -7.24
N GLU A 219 14.13 9.15 -5.96
CA GLU A 219 15.45 8.72 -5.50
C GLU A 219 15.90 7.42 -6.23
N LEU A 220 14.95 6.56 -6.56
CA LEU A 220 15.27 5.24 -7.16
C LEU A 220 15.80 5.38 -8.59
N TYR A 221 15.52 6.49 -9.28
CA TYR A 221 15.93 6.64 -10.67
C TYR A 221 17.42 6.33 -10.81
N ASP A 222 18.24 7.01 -10.01
CA ASP A 222 19.70 6.93 -10.12
C ASP A 222 20.23 5.59 -9.60
N LEU A 223 19.49 4.95 -8.70
CA LEU A 223 19.92 3.74 -7.99
C LEU A 223 19.69 2.47 -8.82
N THR A 224 18.75 2.50 -9.76
CA THR A 224 18.23 1.28 -10.38
C THR A 224 18.84 1.12 -11.78
N ASN A 225 18.75 -0.10 -12.31
CA ASN A 225 19.14 -0.42 -13.68
C ASN A 225 18.15 0.22 -14.65
N GLU A 226 18.48 0.20 -15.94
CA GLU A 226 17.74 0.99 -16.93
C GLU A 226 16.36 0.38 -17.25
N ASN A 227 16.19 -0.94 -17.08
N ASN A 227 16.20 -0.93 -17.04
CA ASN A 227 14.97 -1.64 -17.55
CA ASN A 227 15.05 -1.69 -17.51
C ASN A 227 14.03 -1.96 -16.38
C ASN A 227 14.04 -1.96 -16.38
N VAL A 228 14.30 -1.42 -15.18
CA VAL A 228 13.41 -1.63 -14.02
C VAL A 228 11.99 -1.14 -14.34
N VAL A 229 10.99 -1.84 -13.81
CA VAL A 229 9.58 -1.40 -13.91
C VAL A 229 9.01 -1.23 -12.49
N VAL A 230 8.20 -0.18 -12.29
CA VAL A 230 7.62 0.17 -10.99
C VAL A 230 6.08 0.14 -11.06
N ALA A 231 5.46 -0.61 -10.13
CA ALA A 231 4.02 -0.59 -9.92
C ALA A 231 3.72 0.28 -8.71
N MSE A 232 3.14 1.46 -8.96
CA MSE A 232 2.84 2.40 -7.91
C MSE A 232 1.35 2.24 -7.61
O MSE A 232 0.52 2.49 -8.49
CB MSE A 232 3.18 3.81 -8.38
CG MSE A 232 2.62 4.93 -7.49
SE MSE A 232 3.64 4.99 -5.82
CE MSE A 232 5.38 5.69 -6.45
N ARG A 233 1.02 1.78 -6.41
CA ARG A 233 -0.37 1.72 -5.99
C ARG A 233 -0.77 3.09 -5.44
N PHE A 234 -1.99 3.54 -5.77
CA PHE A 234 -2.46 4.84 -5.35
C PHE A 234 -3.99 4.88 -5.40
N GLY A 235 -4.56 5.93 -4.81
CA GLY A 235 -5.98 6.30 -4.98
C GLY A 235 -6.13 7.79 -5.22
N ASP A 236 -6.79 8.16 -6.33
CA ASP A 236 -7.08 9.55 -6.66
C ASP A 236 -8.57 9.79 -6.49
N GLY A 237 -8.98 11.07 -6.55
CA GLY A 237 -10.38 11.45 -6.34
C GLY A 237 -10.85 10.96 -4.99
N ILE A 238 -12.03 10.34 -4.94
CA ILE A 238 -12.59 9.88 -3.66
C ILE A 238 -11.69 8.79 -3.06
N LYS A 239 -10.96 8.04 -3.88
CA LYS A 239 -10.09 6.97 -3.36
C LYS A 239 -8.92 7.52 -2.54
N ALA A 240 -8.64 8.83 -2.67
CA ALA A 240 -7.56 9.47 -1.93
C ALA A 240 -7.89 9.64 -0.45
N ILE A 241 -9.13 9.33 -0.02
CA ILE A 241 -9.42 9.37 1.42
C ILE A 241 -8.97 8.07 2.12
N PHE A 242 -8.51 7.07 1.36
CA PHE A 242 -8.05 5.77 1.92
C PHE A 242 -6.72 5.32 1.31
N ASN A 243 -6.03 6.24 0.63
CA ASN A 243 -4.81 5.99 -0.13
C ASN A 243 -4.03 7.30 -0.22
N TYR A 244 -2.72 7.22 -0.45
CA TYR A 244 -2.01 8.39 -0.90
C TYR A 244 -2.17 8.49 -2.40
N PRO A 245 -2.33 9.72 -2.94
CA PRO A 245 -2.66 9.92 -4.36
C PRO A 245 -1.47 9.73 -5.30
N SER A 246 -1.75 9.71 -6.61
CA SER A 246 -0.73 9.82 -7.64
C SER A 246 -0.17 11.25 -7.61
N GLN A 247 1.03 11.40 -8.18
CA GLN A 247 1.69 12.67 -8.33
C GLN A 247 2.31 12.74 -9.73
N GLU A 248 2.53 13.96 -10.21
CA GLU A 248 3.30 14.18 -11.40
C GLU A 248 4.77 13.86 -11.09
N THR A 249 5.42 13.08 -11.95
CA THR A 249 6.84 12.75 -11.83
C THR A 249 7.65 13.70 -12.71
N ALA A 250 8.97 13.73 -12.49
CA ALA A 250 9.90 14.43 -13.41
C ALA A 250 9.84 13.74 -14.78
N GLU A 251 9.36 14.47 -15.79
CA GLU A 251 8.90 13.90 -17.07
C GLU A 251 10.04 13.22 -17.84
N ASP A 252 11.29 13.62 -17.57
CA ASP A 252 12.44 13.06 -18.29
C ASP A 252 13.01 11.83 -17.56
N LYS A 253 12.46 11.49 -16.38
CA LYS A 253 12.99 10.39 -15.57
C LYS A 253 12.04 9.19 -15.65
N TRP A 254 10.92 9.27 -14.93
CA TRP A 254 9.93 8.23 -14.90
C TRP A 254 8.79 8.60 -15.84
N GLN A 255 8.49 7.72 -16.80
CA GLN A 255 7.35 7.84 -17.67
C GLN A 255 6.27 6.86 -17.21
N CYS A 256 5.04 7.35 -17.07
CA CYS A 256 3.92 6.47 -16.78
C CYS A 256 3.54 5.75 -18.08
N VAL A 257 3.83 4.45 -18.16
CA VAL A 257 3.60 3.66 -19.38
C VAL A 257 2.23 2.99 -19.33
N ASN A 258 1.62 2.90 -18.14
CA ASN A 258 0.31 2.30 -18.02
C ASN A 258 -0.38 2.78 -16.74
N LYS A 259 -1.69 2.97 -16.82
CA LYS A 259 -2.54 3.24 -15.66
C LYS A 259 -3.61 2.16 -15.64
N HIS A 260 -3.73 1.44 -14.52
CA HIS A 260 -4.74 0.43 -14.31
C HIS A 260 -5.76 0.93 -13.29
N MSE A 261 -6.92 1.38 -13.78
CA MSE A 261 -7.95 1.98 -12.94
C MSE A 261 -9.25 1.22 -13.13
O MSE A 261 -9.65 0.97 -14.26
CB MSE A 261 -8.10 3.44 -13.32
CG MSE A 261 -6.72 4.11 -13.16
SE MSE A 261 -6.84 6.06 -13.28
CE MSE A 261 -8.71 6.37 -13.86
N ARG A 262 -9.88 0.84 -12.01
CA ARG A 262 -11.08 0.03 -12.01
C ARG A 262 -12.04 0.54 -10.95
N PRO A 263 -13.36 0.55 -11.24
CA PRO A 263 -14.36 1.14 -10.36
C PRO A 263 -14.63 0.39 -9.06
N GLN A 264 -14.29 -0.90 -8.98
CA GLN A 264 -14.54 -1.64 -7.74
C GLN A 264 -13.23 -2.05 -7.05
N GLN A 265 -12.12 -1.43 -7.48
N GLN A 265 -12.12 -1.41 -7.42
CA GLN A 265 -10.79 -1.57 -6.86
CA GLN A 265 -10.84 -1.64 -6.79
C GLN A 265 -10.61 -0.43 -5.85
C GLN A 265 -10.52 -0.45 -5.88
N ILE A 266 -10.22 -0.74 -4.61
CA ILE A 266 -10.00 0.31 -3.61
C ILE A 266 -8.69 1.07 -3.88
N PHE A 267 -7.73 0.47 -4.59
CA PHE A 267 -6.56 1.21 -5.11
C PHE A 267 -6.36 0.89 -6.60
N ASP A 268 -5.74 1.84 -7.30
CA ASP A 268 -5.40 1.70 -8.70
C ASP A 268 -3.87 1.61 -8.80
N ILE A 269 -3.38 1.35 -10.01
CA ILE A 269 -1.97 1.12 -10.22
C ILE A 269 -1.49 1.94 -11.41
N ALA A 270 -0.36 2.61 -11.21
CA ALA A 270 0.35 3.29 -12.27
C ALA A 270 1.71 2.60 -12.47
N LEU A 271 1.99 2.18 -13.71
CA LEU A 271 3.24 1.54 -14.10
C LEU A 271 4.19 2.61 -14.64
N TYR A 272 5.41 2.61 -14.12
CA TYR A 272 6.44 3.53 -14.54
C TYR A 272 7.63 2.74 -15.09
N LYS A 273 8.22 3.29 -16.16
CA LYS A 273 9.49 2.85 -16.72
C LYS A 273 10.34 4.11 -16.97
N LYS A 274 11.62 3.90 -17.23
CA LYS A 274 12.53 5.03 -17.49
C LYS A 274 12.34 5.53 -18.93
N ALA A 275 12.67 6.81 -19.13
CA ALA A 275 12.71 7.53 -20.45
C ALA A 275 11.67 6.99 -21.43
C1 EDO B . -6.70 1.03 0.42
O1 EDO B . -5.71 0.74 -0.57
C2 EDO B . -6.05 1.15 1.79
O2 EDO B . -6.03 -0.14 2.40
C1 EDO C . 24.30 -6.60 3.87
O1 EDO C . 23.64 -7.49 4.78
C2 EDO C . 24.86 -5.39 4.60
O2 EDO C . 24.94 -4.31 3.67
N SAM D . -0.98 -3.44 3.26
CA SAM D . -0.35 -2.15 3.13
C SAM D . -0.67 -1.39 1.86
O SAM D . -0.81 -2.07 0.85
OXT SAM D . -0.76 -0.11 1.85
CB SAM D . 1.15 -2.42 3.26
CG SAM D . 1.52 -2.62 4.72
SD SAM D . 1.18 -1.33 5.73
CE SAM D . -0.36 -0.84 5.91
C5' SAM D . 2.07 -0.01 5.17
C4' SAM D . 3.52 -0.11 5.65
O4' SAM D . 4.36 0.83 4.99
C3' SAM D . 3.59 0.16 7.16
O3' SAM D . 4.06 -0.98 7.87
C2' SAM D . 4.54 1.35 7.31
O2' SAM D . 5.48 1.30 8.41
C1' SAM D . 5.28 1.26 5.99
N9 SAM D . 5.89 2.53 5.57
C8 SAM D . 5.35 3.77 5.68
N7 SAM D . 6.20 4.69 5.14
C5 SAM D . 7.28 4.00 4.68
C6 SAM D . 8.55 4.36 4.03
N6 SAM D . 8.77 5.65 3.75
N1 SAM D . 9.41 3.37 3.69
C2 SAM D . 9.12 2.08 3.96
N3 SAM D . 8.01 1.68 4.61
C4 SAM D . 7.07 2.59 4.95
#